data_7NRK
#
_entry.id   7NRK
#
_cell.length_a   82.252
_cell.length_b   111.957
_cell.length_c   62.446
_cell.angle_alpha   90.000
_cell.angle_beta   90.000
_cell.angle_gamma   90.000
#
_symmetry.space_group_name_H-M   'C 2 2 21'
#
loop_
_entity.id
_entity.type
_entity.pdbx_description
1 polymer '14-3-3 protein sigma'
2 polymer 'Peptidyl-prolyl cis-trans isomerase NIMA-interacting 1'
3 non-polymer 4-(4-methylimidazol-1-yl)benzaldehyde
4 non-polymer 'CALCIUM ION'
5 non-polymer 'CHLORIDE ION'
6 non-polymer DI(HYDROXYETHYL)ETHER
7 water water
#
loop_
_entity_poly.entity_id
_entity_poly.type
_entity_poly.pdbx_seq_one_letter_code
_entity_poly.pdbx_strand_id
1 'polypeptide(L)'
;GAMGSMERASLIQKAKLAEQAERYEDMAAFMKGAVEKGEELS(CSO)EERNLLSVAYKNVVGGQRAAWRVLSSIEQKSNE
EGSEEKGPEVREYREKVETELQGVCDTVLGLLDSHLIKEAGDAESRVFYLKMKGDYYRYLAEVATGDDKKRIIDSARSAY
QEAMDISKKEMPPTNPIRLGLALNFSVFHYEIANSPEEAISLAKTTFDEAMADLHTLSEDSYKDSTLIMQLLRDNLTLWT
ADNAGEEGGEAPQEPQS
;
A
2 'polypeptide(L)' LVKHSQSRRPS(SEP)WRQEK P
#
loop_
_chem_comp.id
_chem_comp.type
_chem_comp.name
_chem_comp.formula
CA non-polymer 'CALCIUM ION' 'Ca 2'
CL non-polymer 'CHLORIDE ION' 'Cl -1'
PEG non-polymer DI(HYDROXYETHYL)ETHER 'C4 H10 O3'
UPQ non-polymer 4-(4-methylimidazol-1-yl)benzaldehyde 'C11 H10 N2 O'
#
# COMPACT_ATOMS: atom_id res chain seq x y z
N ALA A 2 -15.61 17.44 4.69
CA ALA A 2 -15.46 18.28 5.87
C ALA A 2 -14.36 19.32 5.67
N MET A 3 -13.50 19.09 4.68
CA MET A 3 -12.38 19.96 4.38
C MET A 3 -12.65 20.87 3.19
N GLY A 4 -13.90 20.92 2.71
CA GLY A 4 -14.21 21.68 1.52
C GLY A 4 -13.94 23.17 1.61
N SER A 5 -13.95 23.72 2.82
CA SER A 5 -13.74 25.15 2.96
C SER A 5 -12.28 25.54 3.15
N MET A 6 -11.36 24.58 3.27
CA MET A 6 -9.95 24.90 3.45
C MET A 6 -9.20 24.88 2.12
N GLU A 7 -8.28 25.83 1.95
CA GLU A 7 -7.44 25.91 0.76
C GLU A 7 -6.65 24.62 0.57
N ARG A 8 -6.45 24.26 -0.71
CA ARG A 8 -5.62 23.10 -1.03
C ARG A 8 -4.24 23.21 -0.39
N ALA A 9 -3.57 24.36 -0.57
CA ALA A 9 -2.22 24.52 -0.02
C ALA A 9 -2.23 24.40 1.50
N SER A 10 -3.28 24.91 2.15
CA SER A 10 -3.37 24.82 3.60
C SER A 10 -3.57 23.39 4.06
N LEU A 11 -4.37 22.61 3.31
CA LEU A 11 -4.53 21.19 3.61
C LEU A 11 -3.19 20.46 3.50
N ILE A 12 -2.41 20.76 2.46
CA ILE A 12 -1.12 20.11 2.28
C ILE A 12 -0.19 20.49 3.44
N GLN A 13 -0.13 21.78 3.76
CA GLN A 13 0.73 22.23 4.85
C GLN A 13 0.33 21.58 6.16
N LYS A 14 -0.98 21.48 6.44
CA LYS A 14 -1.43 20.83 7.67
C LYS A 14 -1.18 19.33 7.65
N ALA A 15 -1.25 18.68 6.48
CA ALA A 15 -0.89 17.27 6.42
C ALA A 15 0.56 17.07 6.87
N LYS A 16 1.46 17.96 6.45
CA LYS A 16 2.86 17.84 6.84
C LYS A 16 3.04 18.08 8.34
N LEU A 17 2.30 19.04 8.89
CA LEU A 17 2.32 19.28 10.34
C LEU A 17 1.81 18.06 11.10
N ALA A 18 0.72 17.45 10.62
CA ALA A 18 0.18 16.26 11.28
C ALA A 18 1.18 15.12 11.25
N GLU A 19 1.91 14.95 10.14
CA GLU A 19 2.97 13.94 10.10
C GLU A 19 4.01 14.19 11.17
N GLN A 20 4.45 15.43 11.33
CA GLN A 20 5.45 15.74 12.36
C GLN A 20 4.92 15.46 13.75
N ALA A 21 3.63 15.67 13.97
CA ALA A 21 2.99 15.42 15.25
C ALA A 21 2.55 13.97 15.39
N GLU A 22 2.80 13.14 14.39
CA GLU A 22 2.37 11.73 14.37
C GLU A 22 0.87 11.61 14.58
N ARG A 23 0.11 12.53 13.97
CA ARG A 23 -1.34 12.53 14.01
C ARG A 23 -1.84 12.06 12.64
N TYR A 24 -1.77 10.75 12.42
CA TYR A 24 -1.98 10.22 11.08
C TYR A 24 -3.43 10.23 10.64
N GLU A 25 -4.37 10.14 11.58
N GLU A 25 -4.37 10.11 11.58
CA GLU A 25 -5.78 10.28 11.23
CA GLU A 25 -5.78 10.29 11.25
C GLU A 25 -6.07 11.68 10.70
C GLU A 25 -6.02 11.68 10.67
N ASP A 26 -5.55 12.71 11.37
CA ASP A 26 -5.64 14.07 10.86
C ASP A 26 -4.96 14.18 9.51
N MET A 27 -3.75 13.62 9.40
CA MET A 27 -3.00 13.67 8.15
C MET A 27 -3.83 13.11 7.00
N ALA A 28 -4.47 11.96 7.20
CA ALA A 28 -5.27 11.35 6.15
C ALA A 28 -6.49 12.21 5.79
N ALA A 29 -7.16 12.78 6.80
CA ALA A 29 -8.28 13.66 6.53
C ALA A 29 -7.86 14.88 5.72
N PHE A 30 -6.71 15.47 6.06
CA PHE A 30 -6.19 16.60 5.30
C PHE A 30 -5.89 16.20 3.85
N MET A 31 -5.20 15.07 3.66
CA MET A 31 -4.90 14.63 2.29
C MET A 31 -6.14 14.20 1.52
N LYS A 32 -7.13 13.61 2.20
CA LYS A 32 -8.40 13.35 1.53
C LYS A 32 -9.02 14.64 1.01
N GLY A 33 -9.05 15.68 1.87
CA GLY A 33 -9.55 16.97 1.43
C GLY A 33 -8.78 17.53 0.25
N ALA A 34 -7.45 17.40 0.28
CA ALA A 34 -6.64 17.87 -0.84
C ALA A 34 -6.98 17.12 -2.13
N VAL A 35 -7.11 15.80 -2.05
CA VAL A 35 -7.48 15.02 -3.24
C VAL A 35 -8.82 15.50 -3.79
N GLU A 36 -9.79 15.73 -2.91
CA GLU A 36 -11.12 16.11 -3.32
C GLU A 36 -11.19 17.50 -3.93
N LYS A 37 -10.10 18.27 -3.88
CA LYS A 37 -10.05 19.50 -4.65
C LYS A 37 -10.08 19.25 -6.15
N GLY A 38 -9.80 18.02 -6.59
CA GLY A 38 -9.93 17.64 -7.98
C GLY A 38 -8.70 17.81 -8.83
N GLU A 39 -7.64 18.41 -8.31
CA GLU A 39 -6.39 18.56 -9.05
C GLU A 39 -5.53 17.32 -8.85
N GLU A 40 -4.71 17.02 -9.85
CA GLU A 40 -3.76 15.93 -9.73
C GLU A 40 -2.78 16.21 -8.58
N LEU A 41 -2.14 15.15 -8.09
CA LEU A 41 -1.21 15.24 -6.98
C LEU A 41 0.23 15.20 -7.49
N SER A 42 1.09 16.02 -6.90
CA SER A 42 2.52 15.97 -7.16
C SER A 42 3.13 14.72 -6.54
N CSO A 43 4.39 14.45 -6.86
N CSO A 43 4.41 14.46 -6.82
CA CSO A 43 5.10 13.30 -6.32
CA CSO A 43 5.05 13.26 -6.30
CB CSO A 43 6.53 13.26 -6.88
CB CSO A 43 6.41 13.05 -6.99
SG CSO A 43 7.53 11.97 -6.08
SG CSO A 43 7.48 12.00 -6.00
C CSO A 43 5.09 13.36 -4.79
C CSO A 43 5.18 13.32 -4.78
O CSO A 43 4.75 12.39 -4.12
O CSO A 43 5.03 12.31 -4.10
OD CSO A 43 8.39 12.62 -4.67
OD CSO A 43 7.41 10.32 -6.60
N GLU A 44 5.45 14.52 -4.24
CA GLU A 44 5.50 14.69 -2.79
C GLU A 44 4.12 14.51 -2.17
N GLU A 45 3.09 15.05 -2.85
CA GLU A 45 1.72 14.95 -2.36
C GLU A 45 1.22 13.52 -2.39
N ARG A 46 1.57 12.75 -3.43
CA ARG A 46 1.22 11.33 -3.45
C ARG A 46 1.83 10.61 -2.26
N ASN A 47 3.09 10.93 -1.93
CA ASN A 47 3.74 10.30 -0.78
C ASN A 47 3.02 10.65 0.51
N LEU A 48 2.58 11.91 0.65
CA LEU A 48 1.85 12.30 1.85
C LEU A 48 0.55 11.50 1.98
N LEU A 49 -0.19 11.37 0.87
CA LEU A 49 -1.41 10.58 0.89
C LEU A 49 -1.14 9.15 1.32
N SER A 50 -0.11 8.54 0.72
CA SER A 50 0.21 7.14 1.01
C SER A 50 0.65 6.95 2.46
N VAL A 51 1.56 7.81 2.94
CA VAL A 51 2.04 7.69 4.32
C VAL A 51 0.89 7.81 5.31
N ALA A 52 -0.01 8.77 5.09
CA ALA A 52 -1.10 9.00 6.02
C ALA A 52 -1.97 7.76 6.16
N TYR A 53 -2.49 7.26 5.05
CA TYR A 53 -3.39 6.11 5.14
C TYR A 53 -2.68 4.82 5.49
N LYS A 54 -1.42 4.64 5.06
CA LYS A 54 -0.68 3.44 5.46
C LYS A 54 -0.55 3.36 6.97
N ASN A 55 -0.33 4.50 7.62
CA ASN A 55 -0.20 4.50 9.08
C ASN A 55 -1.53 4.27 9.75
N VAL A 56 -2.61 4.87 9.22
CA VAL A 56 -3.93 4.66 9.80
C VAL A 56 -4.33 3.19 9.70
N VAL A 57 -4.31 2.66 8.48
CA VAL A 57 -4.72 1.26 8.30
C VAL A 57 -3.73 0.32 8.98
N GLY A 58 -2.45 0.73 9.08
CA GLY A 58 -1.48 -0.11 9.76
C GLY A 58 -1.82 -0.34 11.22
N GLY A 59 -2.25 0.71 11.92
CA GLY A 59 -2.70 0.55 13.29
C GLY A 59 -3.95 -0.29 13.40
N GLN A 60 -4.87 -0.14 12.44
CA GLN A 60 -6.07 -0.97 12.46
C GLN A 60 -5.73 -2.43 12.21
N ARG A 61 -4.82 -2.69 11.27
CA ARG A 61 -4.43 -4.08 10.98
C ARG A 61 -3.76 -4.72 12.18
N ALA A 62 -2.89 -3.97 12.86
CA ALA A 62 -2.24 -4.51 14.06
C ALA A 62 -3.26 -4.82 15.13
N ALA A 63 -4.23 -3.93 15.34
CA ALA A 63 -5.28 -4.19 16.33
C ALA A 63 -6.14 -5.39 15.94
N TRP A 64 -6.52 -5.46 14.66
CA TRP A 64 -7.31 -6.59 14.18
C TRP A 64 -6.60 -7.92 14.42
N ARG A 65 -5.28 -7.97 14.19
CA ARG A 65 -4.54 -9.21 14.38
C ARG A 65 -4.49 -9.60 15.85
N VAL A 66 -4.33 -8.62 16.75
CA VAL A 66 -4.37 -8.92 18.18
C VAL A 66 -5.72 -9.53 18.55
N LEU A 67 -6.81 -8.87 18.12
CA LEU A 67 -8.15 -9.33 18.48
C LEU A 67 -8.50 -10.65 17.82
N SER A 68 -8.11 -10.82 16.55
CA SER A 68 -8.38 -12.10 15.87
C SER A 68 -7.66 -13.25 16.56
N SER A 69 -6.43 -13.01 17.03
CA SER A 69 -5.70 -14.02 17.78
C SER A 69 -6.43 -14.39 19.07
N ILE A 70 -6.91 -13.38 19.81
CA ILE A 70 -7.68 -13.65 21.02
C ILE A 70 -8.94 -14.42 20.69
N GLU A 71 -9.59 -14.05 19.57
CA GLU A 71 -10.84 -14.72 19.18
C GLU A 71 -10.59 -16.19 18.85
N GLN A 72 -9.50 -16.50 18.16
CA GLN A 72 -9.20 -17.88 17.82
C GLN A 72 -8.94 -18.71 19.08
N LYS A 73 -8.17 -18.18 20.02
CA LYS A 73 -7.90 -18.89 21.26
C LYS A 73 -9.18 -19.16 22.05
N SER A 74 -10.16 -18.26 21.95
CA SER A 74 -11.43 -18.47 22.64
C SER A 74 -12.29 -19.50 21.92
N ASN A 75 -12.36 -19.43 20.59
CA ASN A 75 -13.18 -20.35 19.80
C ASN A 75 -12.33 -21.45 19.19
N GLY A 83 -18.43 -15.13 25.96
CA GLY A 83 -19.49 -14.32 25.41
C GLY A 83 -19.18 -13.77 24.03
N PRO A 84 -20.04 -12.89 23.52
CA PRO A 84 -19.85 -12.36 22.16
C PRO A 84 -18.89 -11.18 22.08
N GLU A 85 -18.33 -10.73 23.20
CA GLU A 85 -17.62 -9.45 23.21
C GLU A 85 -16.37 -9.46 22.33
N VAL A 86 -15.59 -10.54 22.37
CA VAL A 86 -14.36 -10.60 21.57
C VAL A 86 -14.70 -10.52 20.09
N ARG A 87 -15.67 -11.33 19.64
CA ARG A 87 -16.11 -11.25 18.26
C ARG A 87 -16.68 -9.89 17.92
N GLU A 88 -17.53 -9.34 18.80
CA GLU A 88 -18.14 -8.04 18.54
C GLU A 88 -17.08 -6.97 18.34
N TYR A 89 -16.06 -6.95 19.21
CA TYR A 89 -15.08 -5.89 19.13
C TYR A 89 -14.14 -6.09 17.94
N ARG A 90 -13.76 -7.34 17.64
CA ARG A 90 -13.03 -7.60 16.41
C ARG A 90 -13.82 -7.13 15.20
N GLU A 91 -15.13 -7.38 15.17
CA GLU A 91 -15.96 -6.93 14.07
C GLU A 91 -16.00 -5.41 13.97
N LYS A 92 -16.03 -4.74 15.12
CA LYS A 92 -16.01 -3.27 15.13
C LYS A 92 -14.73 -2.75 14.48
N VAL A 93 -13.58 -3.23 14.94
CA VAL A 93 -12.31 -2.79 14.36
C VAL A 93 -12.24 -3.15 12.88
N GLU A 94 -12.72 -4.35 12.54
CA GLU A 94 -12.70 -4.81 11.15
C GLU A 94 -13.55 -3.91 10.26
N THR A 95 -14.72 -3.51 10.75
CA THR A 95 -15.58 -2.62 9.98
C THR A 95 -14.94 -1.25 9.78
N GLU A 96 -14.27 -0.73 10.82
N GLU A 96 -14.26 -0.74 10.82
CA GLU A 96 -13.57 0.54 10.69
CA GLU A 96 -13.57 0.54 10.71
C GLU A 96 -12.43 0.43 9.68
C GLU A 96 -12.41 0.44 9.70
N LEU A 97 -11.68 -0.68 9.72
CA LEU A 97 -10.62 -0.91 8.74
C LEU A 97 -11.17 -0.96 7.32
N GLN A 98 -12.26 -1.70 7.11
CA GLN A 98 -12.86 -1.77 5.78
C GLN A 98 -13.32 -0.40 5.32
N GLY A 99 -13.81 0.43 6.25
CA GLY A 99 -14.23 1.77 5.87
C GLY A 99 -13.08 2.63 5.39
N VAL A 100 -11.93 2.53 6.05
CA VAL A 100 -10.75 3.28 5.61
C VAL A 100 -10.29 2.77 4.24
N CYS A 101 -10.23 1.46 4.06
CA CYS A 101 -9.86 0.91 2.76
C CYS A 101 -10.82 1.38 1.66
N ASP A 102 -12.12 1.36 1.95
CA ASP A 102 -13.10 1.81 0.95
C ASP A 102 -12.91 3.29 0.62
N THR A 103 -12.56 4.10 1.63
CA THR A 103 -12.31 5.51 1.39
C THR A 103 -11.13 5.73 0.45
N VAL A 104 -10.01 5.04 0.73
CA VAL A 104 -8.84 5.16 -0.14
C VAL A 104 -9.18 4.69 -1.55
N LEU A 105 -9.80 3.50 -1.67
CA LEU A 105 -10.16 3.00 -2.98
C LEU A 105 -11.10 3.95 -3.70
N GLY A 106 -11.99 4.61 -2.96
CA GLY A 106 -12.87 5.59 -3.57
C GLY A 106 -12.12 6.80 -4.11
N LEU A 107 -11.07 7.23 -3.39
CA LEU A 107 -10.27 8.35 -3.90
C LEU A 107 -9.52 7.95 -5.16
N LEU A 108 -9.00 6.72 -5.20
CA LEU A 108 -8.28 6.25 -6.37
C LEU A 108 -9.22 6.16 -7.58
N ASP A 109 -10.45 5.69 -7.36
CA ASP A 109 -11.42 5.53 -8.43
C ASP A 109 -12.10 6.85 -8.81
N SER A 110 -12.07 7.86 -7.94
CA SER A 110 -12.77 9.12 -8.17
C SER A 110 -11.89 10.28 -7.69
N HIS A 111 -10.91 10.69 -8.49
CA HIS A 111 -10.67 10.22 -9.85
C HIS A 111 -9.17 10.15 -10.13
N LEU A 112 -8.40 9.73 -9.11
CA LEU A 112 -6.94 9.80 -9.18
C LEU A 112 -6.39 8.96 -10.32
N ILE A 113 -6.85 7.71 -10.44
CA ILE A 113 -6.24 6.79 -11.41
C ILE A 113 -6.54 7.24 -12.83
N LYS A 114 -7.80 7.59 -13.12
CA LYS A 114 -8.15 7.90 -14.50
C LYS A 114 -7.44 9.15 -15.00
N GLU A 115 -7.03 10.06 -14.12
CA GLU A 115 -6.28 11.24 -14.54
C GLU A 115 -4.77 11.05 -14.49
N ALA A 116 -4.29 9.91 -14.02
CA ALA A 116 -2.85 9.66 -13.89
C ALA A 116 -2.32 9.11 -15.21
N GLY A 117 -1.61 9.95 -15.97
CA GLY A 117 -1.09 9.56 -17.26
C GLY A 117 0.38 9.19 -17.25
N ASP A 118 1.13 9.80 -16.35
CA ASP A 118 2.55 9.50 -16.24
C ASP A 118 2.75 8.17 -15.54
N ALA A 119 3.84 7.48 -15.92
CA ALA A 119 4.11 6.16 -15.34
C ALA A 119 4.29 6.25 -13.82
N GLU A 120 5.01 7.28 -13.34
CA GLU A 120 5.27 7.37 -11.90
C GLU A 120 3.97 7.53 -11.12
N SER A 121 3.04 8.35 -11.62
CA SER A 121 1.77 8.53 -10.93
C SER A 121 0.87 7.31 -11.10
N ARG A 122 0.75 6.80 -12.32
CA ARG A 122 -0.20 5.70 -12.54
C ARG A 122 0.23 4.45 -11.79
N VAL A 123 1.52 4.09 -11.84
CA VAL A 123 1.98 2.92 -11.11
C VAL A 123 1.80 3.12 -9.61
N PHE A 124 2.07 4.34 -9.12
CA PHE A 124 1.90 4.63 -7.70
C PHE A 124 0.47 4.37 -7.25
N TYR A 125 -0.51 4.88 -8.00
CA TYR A 125 -1.91 4.73 -7.61
C TYR A 125 -2.37 3.28 -7.75
N LEU A 126 -1.89 2.57 -8.78
CA LEU A 126 -2.31 1.18 -8.95
C LEU A 126 -1.72 0.30 -7.86
N LYS A 127 -0.46 0.55 -7.49
CA LYS A 127 0.10 -0.11 -6.31
C LYS A 127 -0.76 0.12 -5.09
N MET A 128 -1.16 1.37 -4.85
CA MET A 128 -2.04 1.68 -3.73
C MET A 128 -3.32 0.87 -3.80
N LYS A 129 -3.92 0.79 -5.00
CA LYS A 129 -5.16 0.05 -5.16
C LYS A 129 -4.96 -1.42 -4.81
N GLY A 130 -3.86 -2.03 -5.29
CA GLY A 130 -3.55 -3.40 -4.90
C GLY A 130 -3.38 -3.54 -3.41
N ASP A 131 -2.68 -2.59 -2.78
CA ASP A 131 -2.44 -2.66 -1.33
C ASP A 131 -3.74 -2.66 -0.54
N TYR A 132 -4.66 -1.74 -0.87
CA TYR A 132 -5.86 -1.64 -0.05
C TYR A 132 -6.87 -2.75 -0.32
N TYR A 133 -6.89 -3.31 -1.53
CA TYR A 133 -7.61 -4.57 -1.73
C TYR A 133 -6.93 -5.72 -0.97
N ARG A 134 -5.60 -5.72 -0.89
CA ARG A 134 -4.90 -6.71 -0.07
C ARG A 134 -5.31 -6.61 1.38
N TYR A 135 -5.43 -5.38 1.91
CA TYR A 135 -5.86 -5.25 3.30
C TYR A 135 -7.30 -5.71 3.48
N LEU A 136 -8.17 -5.43 2.52
CA LEU A 136 -9.50 -6.02 2.57
C LEU A 136 -9.44 -7.54 2.52
N ALA A 137 -8.56 -8.10 1.70
CA ALA A 137 -8.46 -9.56 1.61
C ALA A 137 -8.00 -10.18 2.92
N GLU A 138 -7.17 -9.48 3.70
CA GLU A 138 -6.66 -10.04 4.94
C GLU A 138 -7.78 -10.37 5.93
N VAL A 139 -8.89 -9.63 5.89
CA VAL A 139 -9.99 -9.82 6.82
C VAL A 139 -11.21 -10.45 6.16
N ALA A 140 -11.17 -10.69 4.86
CA ALA A 140 -12.36 -11.16 4.14
C ALA A 140 -12.56 -12.66 4.36
N THR A 141 -13.82 -13.06 4.52
CA THR A 141 -14.15 -14.46 4.75
C THR A 141 -15.41 -14.90 4.02
N GLY A 142 -16.09 -14.02 3.29
CA GLY A 142 -17.39 -14.29 2.74
C GLY A 142 -17.38 -14.61 1.25
N ASP A 143 -18.53 -14.39 0.61
CA ASP A 143 -18.73 -14.74 -0.79
C ASP A 143 -17.91 -13.88 -1.75
N ASP A 144 -17.35 -12.77 -1.28
CA ASP A 144 -16.61 -11.86 -2.13
C ASP A 144 -15.09 -11.94 -1.89
N LYS A 145 -14.62 -12.90 -1.10
CA LYS A 145 -13.19 -12.99 -0.83
C LYS A 145 -12.40 -13.22 -2.10
N LYS A 146 -12.89 -14.11 -2.98
CA LYS A 146 -12.15 -14.38 -4.21
C LYS A 146 -12.12 -13.16 -5.11
N ARG A 147 -13.24 -12.43 -5.18
CA ARG A 147 -13.27 -11.24 -6.03
C ARG A 147 -12.36 -10.15 -5.47
N ILE A 148 -12.30 -10.03 -4.14
CA ILE A 148 -11.41 -9.04 -3.53
C ILE A 148 -9.95 -9.38 -3.85
N ILE A 149 -9.60 -10.66 -3.74
CA ILE A 149 -8.23 -11.10 -4.06
C ILE A 149 -7.92 -10.82 -5.51
N ASP A 150 -8.86 -11.10 -6.42
CA ASP A 150 -8.58 -10.86 -7.82
C ASP A 150 -8.52 -9.37 -8.13
N SER A 151 -9.24 -8.53 -7.37
CA SER A 151 -9.10 -7.10 -7.58
C SER A 151 -7.71 -6.61 -7.17
N ALA A 152 -7.18 -7.13 -6.05
CA ALA A 152 -5.80 -6.83 -5.69
C ALA A 152 -4.85 -7.29 -6.79
N ARG A 153 -4.97 -8.55 -7.22
N ARG A 153 -4.98 -8.54 -7.22
CA ARG A 153 -4.11 -9.09 -8.25
CA ARG A 153 -4.09 -9.09 -8.25
C ARG A 153 -4.15 -8.25 -9.52
C ARG A 153 -4.15 -8.24 -9.52
N SER A 154 -5.35 -7.88 -9.96
CA SER A 154 -5.49 -7.13 -11.21
C SER A 154 -4.80 -5.78 -11.12
N ALA A 155 -4.97 -5.07 -10.00
CA ALA A 155 -4.35 -3.77 -9.84
C ALA A 155 -2.83 -3.89 -9.81
N TYR A 156 -2.30 -4.82 -9.01
CA TYR A 156 -0.87 -5.08 -8.98
C TYR A 156 -0.34 -5.43 -10.37
N GLN A 157 -1.07 -6.27 -11.11
CA GLN A 157 -0.60 -6.73 -12.41
C GLN A 157 -0.50 -5.58 -13.40
N GLU A 158 -1.51 -4.71 -13.46
CA GLU A 158 -1.43 -3.57 -14.35
C GLU A 158 -0.27 -2.66 -13.97
N ALA A 159 -0.09 -2.43 -12.67
CA ALA A 159 1.05 -1.63 -12.22
C ALA A 159 2.37 -2.27 -12.62
N MET A 160 2.49 -3.59 -12.45
CA MET A 160 3.69 -4.31 -12.87
C MET A 160 3.95 -4.12 -14.36
N ASP A 161 2.92 -4.31 -15.19
CA ASP A 161 3.13 -4.21 -16.64
C ASP A 161 3.63 -2.82 -17.03
N ILE A 162 3.03 -1.77 -16.46
CA ILE A 162 3.49 -0.42 -16.77
C ILE A 162 4.91 -0.21 -16.26
N SER A 163 5.20 -0.67 -15.04
CA SER A 163 6.50 -0.39 -14.44
C SER A 163 7.62 -1.07 -15.21
N LYS A 164 7.37 -2.29 -15.73
CA LYS A 164 8.40 -2.97 -16.49
C LYS A 164 8.63 -2.33 -17.85
N LYS A 165 7.61 -1.70 -18.43
CA LYS A 165 7.78 -1.00 -19.70
C LYS A 165 8.39 0.38 -19.53
N GLU A 166 8.08 1.08 -18.44
CA GLU A 166 8.31 2.51 -18.34
C GLU A 166 9.31 2.93 -17.28
N MET A 167 9.77 2.04 -16.41
CA MET A 167 10.70 2.46 -15.38
C MET A 167 11.92 1.56 -15.35
N PRO A 168 13.07 2.07 -14.92
CA PRO A 168 14.25 1.24 -14.74
C PRO A 168 14.05 0.26 -13.60
N PRO A 169 14.81 -0.82 -13.56
CA PRO A 169 14.61 -1.84 -12.52
C PRO A 169 14.92 -1.36 -11.12
N THR A 170 15.65 -0.25 -10.96
CA THR A 170 15.98 0.28 -9.64
C THR A 170 14.99 1.33 -9.17
N ASN A 171 13.99 1.68 -9.95
CA ASN A 171 13.05 2.72 -9.56
C ASN A 171 12.39 2.35 -8.23
N PRO A 172 12.43 3.22 -7.22
CA PRO A 172 11.89 2.86 -5.90
C PRO A 172 10.42 2.45 -5.93
N ILE A 173 9.60 3.12 -6.75
CA ILE A 173 8.19 2.73 -6.86
C ILE A 173 8.08 1.34 -7.47
N ARG A 174 8.82 1.08 -8.55
CA ARG A 174 8.84 -0.26 -9.14
C ARG A 174 9.27 -1.30 -8.11
N LEU A 175 10.28 -0.99 -7.29
CA LEU A 175 10.77 -1.94 -6.31
C LEU A 175 9.76 -2.18 -5.20
N GLY A 176 9.18 -1.11 -4.66
CA GLY A 176 8.17 -1.26 -3.62
C GLY A 176 6.94 -1.98 -4.13
N LEU A 177 6.55 -1.73 -5.38
CA LEU A 177 5.45 -2.46 -5.99
C LEU A 177 5.74 -3.95 -6.04
N ALA A 178 6.93 -4.32 -6.53
CA ALA A 178 7.27 -5.74 -6.62
C ALA A 178 7.34 -6.38 -5.24
N LEU A 179 7.92 -5.67 -4.28
CA LEU A 179 7.93 -6.15 -2.89
C LEU A 179 6.53 -6.49 -2.40
N ASN A 180 5.58 -5.55 -2.57
CA ASN A 180 4.23 -5.76 -2.07
C ASN A 180 3.47 -6.81 -2.87
N PHE A 181 3.67 -6.86 -4.18
CA PHE A 181 3.04 -7.90 -4.98
C PHE A 181 3.56 -9.27 -4.56
N SER A 182 4.85 -9.35 -4.21
N SER A 182 4.85 -9.36 -4.23
CA SER A 182 5.39 -10.63 -3.73
CA SER A 182 5.40 -10.61 -3.73
C SER A 182 4.79 -11.00 -2.38
C SER A 182 4.78 -11.00 -2.39
N VAL A 183 4.55 -10.01 -1.51
CA VAL A 183 3.87 -10.29 -0.25
C VAL A 183 2.44 -10.75 -0.50
N PHE A 184 1.76 -10.12 -1.48
CA PHE A 184 0.44 -10.59 -1.88
C PHE A 184 0.47 -12.06 -2.27
N HIS A 185 1.43 -12.44 -3.12
CA HIS A 185 1.53 -13.83 -3.55
C HIS A 185 1.72 -14.77 -2.36
N TYR A 186 2.57 -14.38 -1.41
CA TYR A 186 2.92 -15.27 -0.30
C TYR A 186 1.79 -15.36 0.71
N GLU A 187 1.25 -14.21 1.12
CA GLU A 187 0.29 -14.15 2.21
C GLU A 187 -1.16 -14.31 1.79
N ILE A 188 -1.55 -13.88 0.60
CA ILE A 188 -2.94 -13.80 0.21
C ILE A 188 -3.30 -14.87 -0.81
N ALA A 189 -2.48 -15.01 -1.85
CA ALA A 189 -2.77 -15.91 -2.97
C ALA A 189 -2.29 -17.33 -2.74
N ASN A 190 -1.64 -17.61 -1.61
CA ASN A 190 -1.12 -18.95 -1.32
C ASN A 190 -0.19 -19.43 -2.44
N SER A 191 0.65 -18.52 -2.93
CA SER A 191 1.59 -18.80 -4.03
C SER A 191 3.00 -18.45 -3.56
N PRO A 192 3.53 -19.18 -2.58
CA PRO A 192 4.87 -18.83 -2.08
C PRO A 192 5.96 -18.93 -3.14
N GLU A 193 5.85 -19.86 -4.09
CA GLU A 193 6.89 -19.95 -5.11
C GLU A 193 6.87 -18.73 -6.01
N GLU A 194 5.68 -18.26 -6.39
CA GLU A 194 5.57 -17.02 -7.16
C GLU A 194 6.16 -15.84 -6.36
N ALA A 195 5.87 -15.78 -5.07
CA ALA A 195 6.42 -14.73 -4.21
C ALA A 195 7.94 -14.74 -4.23
N ILE A 196 8.55 -15.92 -4.09
CA ILE A 196 10.00 -16.02 -4.05
C ILE A 196 10.61 -15.68 -5.40
N SER A 197 10.02 -16.19 -6.48
N SER A 197 10.01 -16.20 -6.48
CA SER A 197 10.55 -15.91 -7.82
CA SER A 197 10.52 -15.91 -7.83
C SER A 197 10.48 -14.42 -8.13
C SER A 197 10.48 -14.42 -8.13
N LEU A 198 9.37 -13.76 -7.81
CA LEU A 198 9.27 -12.34 -8.07
C LEU A 198 10.29 -11.55 -7.25
N ALA A 199 10.46 -11.89 -5.97
CA ALA A 199 11.40 -11.14 -5.14
C ALA A 199 12.84 -11.32 -5.62
N LYS A 200 13.20 -12.55 -5.99
CA LYS A 200 14.57 -12.81 -6.45
C LYS A 200 14.84 -12.13 -7.79
N THR A 201 13.93 -12.30 -8.76
CA THR A 201 14.09 -11.64 -10.06
C THR A 201 14.14 -10.12 -9.91
N THR A 202 13.28 -9.56 -9.07
CA THR A 202 13.31 -8.12 -8.86
C THR A 202 14.64 -7.67 -8.26
N PHE A 203 15.12 -8.40 -7.25
CA PHE A 203 16.39 -8.04 -6.60
C PHE A 203 17.54 -8.11 -7.59
N ASP A 204 17.61 -9.20 -8.37
CA ASP A 204 18.74 -9.41 -9.27
C ASP A 204 18.79 -8.37 -10.38
N GLU A 205 17.64 -8.05 -10.99
CA GLU A 205 17.67 -7.04 -12.03
C GLU A 205 17.94 -5.64 -11.48
N ALA A 206 17.52 -5.37 -10.24
CA ALA A 206 17.90 -4.11 -9.62
C ALA A 206 19.41 -4.07 -9.38
N MET A 207 19.96 -5.14 -8.78
CA MET A 207 21.41 -5.24 -8.59
C MET A 207 22.18 -4.85 -9.84
N ALA A 208 21.76 -5.37 -10.99
CA ALA A 208 22.49 -5.17 -12.24
C ALA A 208 22.35 -3.75 -12.79
N ASP A 209 21.43 -2.94 -12.25
CA ASP A 209 21.21 -1.58 -12.72
C ASP A 209 21.73 -0.53 -11.75
N LEU A 210 22.26 -0.96 -10.59
CA LEU A 210 22.74 -0.01 -9.59
C LEU A 210 23.89 0.85 -10.12
N HIS A 211 24.68 0.32 -11.05
CA HIS A 211 25.85 1.05 -11.52
C HIS A 211 25.49 2.34 -12.24
N THR A 212 24.22 2.50 -12.65
CA THR A 212 23.79 3.69 -13.37
C THR A 212 23.39 4.84 -12.44
N LEU A 213 23.35 4.60 -11.14
CA LEU A 213 22.71 5.50 -10.19
C LEU A 213 23.73 6.40 -9.49
N SER A 214 23.26 7.58 -9.11
CA SER A 214 23.99 8.44 -8.19
C SER A 214 24.00 7.83 -6.79
N GLU A 215 24.82 8.44 -5.91
CA GLU A 215 24.91 7.95 -4.54
C GLU A 215 23.56 8.03 -3.83
N ASP A 216 22.80 9.10 -4.04
CA ASP A 216 21.52 9.23 -3.36
C ASP A 216 20.49 8.24 -3.91
N SER A 217 20.44 8.09 -5.23
CA SER A 217 19.51 7.11 -5.82
C SER A 217 19.91 5.69 -5.43
N TYR A 218 21.22 5.42 -5.38
CA TYR A 218 21.71 4.12 -4.94
C TYR A 218 21.21 3.80 -3.53
N LYS A 219 21.25 4.79 -2.62
CA LYS A 219 20.74 4.57 -1.27
C LYS A 219 19.25 4.29 -1.29
N ASP A 220 18.48 5.03 -2.09
CA ASP A 220 17.04 4.80 -2.18
C ASP A 220 16.74 3.38 -2.64
N SER A 221 17.45 2.91 -3.67
CA SER A 221 17.13 1.61 -4.27
C SER A 221 17.60 0.46 -3.37
N THR A 222 18.81 0.55 -2.83
CA THR A 222 19.31 -0.54 -2.00
C THR A 222 18.50 -0.69 -0.71
N LEU A 223 17.93 0.40 -0.20
CA LEU A 223 17.08 0.30 0.98
C LEU A 223 15.91 -0.65 0.73
N ILE A 224 15.26 -0.53 -0.42
CA ILE A 224 14.11 -1.38 -0.70
C ILE A 224 14.57 -2.77 -1.12
N MET A 225 15.72 -2.89 -1.80
CA MET A 225 16.24 -4.22 -2.12
C MET A 225 16.54 -5.01 -0.85
N GLN A 226 16.91 -4.32 0.23
CA GLN A 226 17.14 -5.03 1.49
C GLN A 226 15.85 -5.65 2.03
N LEU A 227 14.71 -4.98 1.83
CA LEU A 227 13.44 -5.59 2.25
C LEU A 227 13.11 -6.83 1.43
N LEU A 228 13.40 -6.79 0.12
CA LEU A 228 13.26 -7.99 -0.69
C LEU A 228 14.15 -9.11 -0.16
N ARG A 229 15.39 -8.78 0.19
CA ARG A 229 16.30 -9.79 0.73
C ARG A 229 15.81 -10.32 2.06
N ASP A 230 15.28 -9.45 2.92
CA ASP A 230 14.75 -9.91 4.21
C ASP A 230 13.66 -10.94 4.02
N ASN A 231 12.74 -10.68 3.09
CA ASN A 231 11.67 -11.64 2.82
C ASN A 231 12.22 -12.95 2.28
N LEU A 232 13.14 -12.87 1.32
CA LEU A 232 13.73 -14.10 0.78
C LEU A 232 14.40 -14.91 1.89
N THR A 233 15.04 -14.23 2.83
CA THR A 233 15.66 -14.92 3.96
C THR A 233 14.61 -15.55 4.86
N LEU A 234 13.47 -14.87 5.03
CA LEU A 234 12.37 -15.43 5.80
C LEU A 234 11.72 -16.61 5.09
N TRP A 235 11.69 -16.58 3.76
CA TRP A 235 10.90 -17.55 2.98
C TRP A 235 11.69 -18.76 2.52
N THR A 236 13.02 -18.70 2.55
CA THR A 236 13.84 -19.80 2.06
C THR A 236 14.83 -20.27 3.12
N ARG B 9 4.13 -11.22 9.08
CA ARG B 9 5.56 -11.40 9.35
C ARG B 9 6.53 -10.87 8.29
N PRO B 10 6.25 -11.04 6.99
CA PRO B 10 7.14 -10.49 5.96
C PRO B 10 6.94 -9.00 5.76
N SER B 11 7.96 -8.37 5.20
CA SER B 11 7.98 -6.91 5.08
C SER B 11 7.34 -6.44 3.79
N SEP B 12 6.33 -5.58 3.92
CA SEP B 12 5.84 -4.83 2.78
CB SEP B 12 4.33 -4.65 2.85
OG SEP B 12 3.99 -4.01 4.06
C SEP B 12 6.55 -3.48 2.81
O SEP B 12 7.28 -3.20 3.77
P SEP B 12 2.40 -3.93 4.27
O1P SEP B 12 1.82 -5.42 4.45
O2P SEP B 12 2.15 -3.07 5.60
O3P SEP B 12 1.74 -3.22 3.00
N TRP B 13 6.37 -2.65 1.79
CA TRP B 13 7.11 -1.41 1.75
C TRP B 13 6.71 -0.52 2.93
N ARG B 14 7.70 0.14 3.52
CA ARG B 14 7.46 1.06 4.63
C ARG B 14 8.47 2.21 4.62
C01 UPQ C . 5.31 2.18 -2.50
C02 UPQ C . 6.53 3.11 -2.45
C03 UPQ C . 6.38 4.44 -2.11
C04 UPQ C . 7.48 5.28 -2.06
C05 UPQ C . 8.75 4.77 -2.37
C07 UPQ C . 10.19 6.61 -3.15
C08 UPQ C . 11.40 7.14 -2.78
C09 UPQ C . 12.12 8.32 -3.44
C11 UPQ C . 10.94 5.50 -1.46
C12 UPQ C . 8.89 3.44 -2.71
C13 UPQ C . 7.79 2.60 -2.76
N06 UPQ C . 9.93 5.62 -2.34
N10 UPQ C . 11.85 6.45 -1.75
CA CA D . -2.97 13.68 -16.08
CL CL E . -6.91 22.90 11.47
C1 PEG F . 11.45 6.61 -17.79
O1 PEG F . 11.09 6.16 -16.49
C2 PEG F . 12.19 5.56 -18.56
O2 PEG F . 12.72 4.60 -17.66
C3 PEG F . 13.26 3.45 -18.32
C4 PEG F . 12.23 2.85 -19.23
O4 PEG F . 12.60 1.54 -19.63
C1 PEG G . -17.00 -7.06 8.51
O1 PEG G . -16.75 -5.87 9.24
C2 PEG G . -17.36 -8.19 9.43
O2 PEG G . -17.21 -9.40 8.72
C3 PEG G . -16.89 -10.53 9.52
C4 PEG G . -16.31 -11.61 8.66
O4 PEG G . -15.42 -12.45 9.37
#